data_5LSU
#
_entry.id   5LSU
#
_cell.length_a   94.583
_cell.length_b   63.114
_cell.length_c   81.094
_cell.angle_alpha   90.00
_cell.angle_beta   90.00
_cell.angle_gamma   90.00
#
_symmetry.space_group_name_H-M   'P 21 21 21'
#
loop_
_entity.id
_entity.type
_entity.pdbx_description
1 polymer 'Histone-lysine N-methyltransferase NSD2'
2 non-polymer 'ZINC ION'
3 non-polymer S-ADENOSYLMETHIONINE
4 water water
#
_entity_poly.entity_id   1
_entity_poly.type   'polypeptide(L)'
_entity_poly.pdbx_seq_one_letter_code
;MGSSHHHHHHSSGLVPRGSHMKLLRELRETQESERKPPPYKHIKVNKPYGKVQIYTADISEIPKCNCKPTDENPCGFDSE
CLNRMLMFECHPQVCPAGEFCQNQCFTKRQYPETKIIKTLQRGWGLVAKRDIRKGEFVNEYVGELIDEEECMARIKHAHE
NDITHFYMLTIDKDRIIDAGPKGNYSRFMNHSCQPNCETLKWTVNGDTRVGLFAVCDIPAGTELTFNYNLDCLGNEKTVC
RCGASNCSGFLG
;
_entity_poly.pdbx_strand_id   A,B
#
loop_
_chem_comp.id
_chem_comp.type
_chem_comp.name
_chem_comp.formula
SAM non-polymer S-ADENOSYLMETHIONINE 'C15 H22 N6 O5 S'
ZN non-polymer 'ZINC ION' 'Zn 2'
#
# COMPACT_ATOMS: atom_id res chain seq x y z
N LYS A 22 19.56 0.89 14.13
CA LYS A 22 19.37 2.33 14.02
C LYS A 22 18.03 2.80 14.56
N LEU A 23 18.08 3.62 15.64
CA LEU A 23 16.97 4.21 16.39
C LEU A 23 15.86 4.77 15.53
N LEU A 24 16.21 5.41 14.40
CA LEU A 24 15.28 5.99 13.43
C LEU A 24 14.44 4.93 12.73
N ARG A 25 15.03 3.75 12.46
CA ARG A 25 14.30 2.64 11.84
C ARG A 25 13.41 1.94 12.86
N GLU A 26 13.86 1.94 14.14
CA GLU A 26 13.08 1.43 15.28
C GLU A 26 11.81 2.29 15.46
N LEU A 27 11.95 3.63 15.31
CA LEU A 27 10.87 4.60 15.39
C LEU A 27 9.74 4.27 14.40
N ARG A 28 10.10 4.05 13.12
CA ARG A 28 9.18 3.68 12.04
C ARG A 28 8.51 2.34 12.35
N GLU A 29 9.32 1.32 12.72
CA GLU A 29 8.91 -0.04 13.07
C GLU A 29 7.77 -0.11 14.10
N THR A 30 7.78 0.75 15.16
CA THR A 30 6.76 0.80 16.21
C THR A 30 5.36 1.14 15.64
N GLN A 31 5.29 1.94 14.53
CA GLN A 31 4.12 2.18 13.63
C GLN A 31 2.72 1.83 14.24
N GLU A 32 2.36 2.45 15.40
CA GLU A 32 1.21 2.10 16.24
C GLU A 32 -0.14 2.57 15.66
N SER A 33 -1.19 2.67 16.51
CA SER A 33 -2.53 2.99 16.04
C SER A 33 -3.13 4.27 16.66
N GLU A 34 -3.01 5.41 15.94
CA GLU A 34 -3.78 6.62 16.27
C GLU A 34 -5.20 6.55 15.70
N ARG A 35 -6.19 6.90 16.53
CA ARG A 35 -7.62 6.74 16.26
C ARG A 35 -8.20 7.91 15.48
N LYS A 36 -7.41 9.01 15.34
CA LYS A 36 -7.81 10.31 14.79
C LYS A 36 -6.66 10.92 13.97
N PRO A 37 -6.91 11.60 12.83
CA PRO A 37 -5.83 12.38 12.20
C PRO A 37 -5.33 13.49 13.09
N PRO A 38 -4.05 13.89 13.00
CA PRO A 38 -3.58 15.01 13.84
C PRO A 38 -4.35 16.32 13.53
N PRO A 39 -4.33 17.33 14.44
CA PRO A 39 -5.22 18.47 14.27
C PRO A 39 -5.03 19.32 13.02
N TYR A 40 -6.16 19.83 12.49
CA TYR A 40 -6.21 20.81 11.41
C TYR A 40 -7.50 21.59 11.64
N LYS A 41 -7.59 22.82 11.13
CA LYS A 41 -8.82 23.58 11.26
C LYS A 41 -9.76 23.29 10.10
N HIS A 42 -10.97 22.75 10.39
CA HIS A 42 -11.95 22.45 9.34
C HIS A 42 -12.63 23.69 8.87
N ILE A 43 -12.31 24.11 7.62
CA ILE A 43 -12.79 25.39 7.08
C ILE A 43 -13.78 25.17 5.95
N LYS A 44 -14.64 26.12 5.71
CA LYS A 44 -15.58 26.09 4.58
C LYS A 44 -15.01 26.65 3.27
N VAL A 45 -14.23 27.74 3.37
CA VAL A 45 -13.81 28.59 2.25
C VAL A 45 -12.29 28.89 2.38
N ASN A 46 -11.59 29.05 1.24
CA ASN A 46 -10.20 29.54 1.22
C ASN A 46 -9.99 30.78 2.09
N LYS A 47 -8.85 30.82 2.78
CA LYS A 47 -8.52 31.86 3.73
C LYS A 47 -7.18 32.41 3.32
N PRO A 48 -7.12 33.65 2.84
CA PRO A 48 -5.81 34.22 2.45
C PRO A 48 -4.83 34.48 3.58
N TYR A 49 -3.53 34.37 3.23
CA TYR A 49 -2.42 34.60 4.15
C TYR A 49 -1.43 35.54 3.49
N GLY A 50 -0.94 36.51 4.25
CA GLY A 50 0.16 37.38 3.86
C GLY A 50 -0.13 38.21 2.62
N LYS A 51 0.78 38.22 1.65
CA LYS A 51 0.64 39.15 0.57
C LYS A 51 0.00 38.56 -0.69
N VAL A 52 -0.78 37.47 -0.54
CA VAL A 52 -1.43 36.78 -1.65
C VAL A 52 -2.53 37.64 -2.23
N GLN A 53 -2.77 37.52 -3.53
CA GLN A 53 -3.86 38.26 -4.18
C GLN A 53 -5.19 37.57 -4.14
N ILE A 54 -6.23 38.32 -3.77
CA ILE A 54 -7.62 37.86 -3.72
CA ILE A 54 -7.59 37.78 -3.84
C ILE A 54 -8.45 38.66 -4.74
N TYR A 55 -9.42 38.04 -5.37
CA TYR A 55 -10.32 38.65 -6.32
C TYR A 55 -11.75 38.41 -5.87
N THR A 56 -12.61 39.38 -6.14
CA THR A 56 -14.04 39.31 -5.83
C THR A 56 -14.81 39.87 -7.01
N ALA A 57 -16.09 39.52 -7.12
CA ALA A 57 -17.01 40.14 -8.08
C ALA A 57 -18.26 40.53 -7.36
N ASP A 58 -18.78 41.69 -7.72
CA ASP A 58 -20.12 42.13 -7.36
C ASP A 58 -21.06 41.31 -8.25
N ILE A 59 -22.27 41.01 -7.73
CA ILE A 59 -23.39 40.36 -8.40
C ILE A 59 -23.47 40.77 -9.90
N SER A 60 -23.28 42.07 -10.21
CA SER A 60 -23.34 42.63 -11.57
C SER A 60 -22.30 42.04 -12.55
N GLU A 61 -21.11 41.65 -12.06
CA GLU A 61 -20.01 41.13 -12.88
C GLU A 61 -20.15 39.61 -13.23
N ILE A 62 -21.02 38.87 -12.52
CA ILE A 62 -21.11 37.41 -12.68
C ILE A 62 -21.86 37.05 -13.97
N PRO A 63 -21.32 36.13 -14.83
CA PRO A 63 -22.04 35.75 -16.07
C PRO A 63 -23.44 35.18 -15.83
N LYS A 64 -24.31 35.35 -16.82
CA LYS A 64 -25.72 34.96 -16.77
C LYS A 64 -25.95 34.00 -17.95
N CYS A 65 -26.41 32.78 -17.65
CA CYS A 65 -26.77 31.78 -18.66
C CYS A 65 -28.12 32.13 -19.33
N ASN A 66 -28.59 31.28 -20.27
CA ASN A 66 -29.91 31.40 -20.92
C ASN A 66 -30.83 30.17 -20.60
N CYS A 67 -30.64 29.56 -19.40
CA CYS A 67 -31.55 28.53 -18.83
C CYS A 67 -32.83 29.19 -18.33
N LYS A 68 -33.95 28.48 -18.42
CA LYS A 68 -35.23 28.95 -17.85
C LYS A 68 -35.49 28.21 -16.51
N PRO A 69 -36.31 28.75 -15.56
CA PRO A 69 -36.58 27.98 -14.32
C PRO A 69 -37.51 26.78 -14.56
N THR A 70 -38.18 26.77 -15.74
CA THR A 70 -39.13 25.73 -16.20
C THR A 70 -38.40 24.56 -16.96
N ASP A 71 -37.05 24.58 -17.01
CA ASP A 71 -36.24 23.58 -17.70
C ASP A 71 -36.21 22.26 -16.91
N GLU A 72 -35.96 21.13 -17.61
CA GLU A 72 -35.94 19.79 -17.00
C GLU A 72 -35.00 19.76 -15.79
N ASN A 73 -33.74 20.14 -15.98
CA ASN A 73 -32.78 20.27 -14.89
C ASN A 73 -31.95 21.53 -15.09
N PRO A 74 -32.51 22.72 -14.65
CA PRO A 74 -31.95 24.02 -15.07
C PRO A 74 -30.57 24.21 -14.48
N CYS A 75 -29.58 24.53 -15.36
CA CYS A 75 -28.16 24.65 -15.01
C CYS A 75 -27.55 23.33 -14.47
N GLY A 76 -28.30 22.23 -14.66
CA GLY A 76 -27.91 20.89 -14.22
C GLY A 76 -26.77 20.29 -15.02
N PHE A 77 -26.26 19.15 -14.54
CA PHE A 77 -25.13 18.45 -15.12
C PHE A 77 -25.36 18.03 -16.58
N ASP A 78 -26.58 17.61 -16.91
CA ASP A 78 -26.95 17.15 -18.25
C ASP A 78 -27.52 18.30 -19.11
N SER A 79 -27.57 19.53 -18.55
CA SER A 79 -28.16 20.69 -19.21
C SER A 79 -27.21 21.36 -20.22
N GLU A 80 -27.77 22.23 -21.07
CA GLU A 80 -27.04 23.02 -22.05
C GLU A 80 -26.62 24.41 -21.46
N CYS A 81 -26.37 24.48 -20.13
CA CYS A 81 -26.04 25.72 -19.41
C CYS A 81 -24.74 26.34 -19.92
N LEU A 82 -24.83 27.59 -20.37
CA LEU A 82 -23.71 28.41 -20.89
C LEU A 82 -22.63 28.57 -19.81
N ASN A 83 -23.06 28.86 -18.56
CA ASN A 83 -22.20 28.97 -17.39
C ASN A 83 -21.51 27.65 -17.06
N ARG A 84 -22.29 26.55 -17.06
CA ARG A 84 -21.76 25.25 -16.73
C ARG A 84 -20.68 24.78 -17.69
N MET A 85 -20.97 24.89 -19.01
CA MET A 85 -20.08 24.55 -20.11
C MET A 85 -18.71 25.23 -20.03
N LEU A 86 -18.69 26.51 -19.60
CA LEU A 86 -17.50 27.32 -19.49
C LEU A 86 -16.86 27.26 -18.10
N MET A 87 -17.41 26.41 -17.20
CA MET A 87 -16.92 26.21 -15.82
C MET A 87 -17.04 27.49 -14.98
N PHE A 88 -18.15 28.19 -15.15
CA PHE A 88 -18.57 29.33 -14.34
C PHE A 88 -19.72 28.86 -13.48
N GLU A 89 -19.67 29.18 -12.18
CA GLU A 89 -20.76 28.93 -11.26
C GLU A 89 -21.82 30.05 -11.37
N CYS A 90 -23.14 29.70 -11.44
CA CYS A 90 -24.24 30.72 -11.45
C CYS A 90 -24.26 31.38 -10.10
N HIS A 91 -24.67 32.65 -10.04
CA HIS A 91 -24.94 33.33 -8.77
C HIS A 91 -26.48 33.23 -8.48
N PRO A 92 -26.91 33.05 -7.20
CA PRO A 92 -28.36 33.01 -6.90
C PRO A 92 -29.21 34.21 -7.37
N GLN A 93 -28.72 35.46 -7.20
CA GLN A 93 -29.38 36.70 -7.64
C GLN A 93 -29.31 36.94 -9.15
N VAL A 94 -28.33 36.35 -9.84
CA VAL A 94 -28.13 36.58 -11.28
C VAL A 94 -28.88 35.55 -12.14
N CYS A 95 -28.92 34.27 -11.72
CA CYS A 95 -29.40 33.21 -12.59
C CYS A 95 -30.88 33.38 -12.96
N PRO A 96 -31.20 33.27 -14.27
CA PRO A 96 -32.62 33.28 -14.70
C PRO A 96 -33.46 32.07 -14.24
N ALA A 97 -32.79 30.95 -13.82
CA ALA A 97 -33.46 29.77 -13.26
C ALA A 97 -33.88 29.98 -11.77
N GLY A 98 -33.43 31.10 -11.21
CA GLY A 98 -33.65 31.50 -9.83
C GLY A 98 -33.06 30.54 -8.82
N GLU A 99 -33.93 29.92 -8.05
CA GLU A 99 -33.59 28.98 -6.98
C GLU A 99 -33.53 27.55 -7.49
N PHE A 100 -34.08 27.31 -8.70
CA PHE A 100 -34.05 25.99 -9.35
C PHE A 100 -32.75 25.77 -10.14
N CYS A 101 -31.79 26.70 -10.01
CA CYS A 101 -30.46 26.61 -10.58
C CYS A 101 -29.71 25.45 -9.92
N GLN A 102 -29.23 24.51 -10.75
CA GLN A 102 -28.47 23.35 -10.27
C GLN A 102 -26.97 23.54 -10.53
N ASN A 103 -26.53 24.80 -10.67
CA ASN A 103 -25.12 25.14 -10.93
C ASN A 103 -24.57 26.05 -9.83
N GLN A 104 -24.63 25.55 -8.56
CA GLN A 104 -24.27 26.29 -7.34
C GLN A 104 -23.52 25.39 -6.33
N CYS A 105 -22.84 24.40 -6.86
CA CYS A 105 -22.16 23.33 -6.13
C CYS A 105 -21.12 23.84 -5.15
N PHE A 106 -20.21 24.72 -5.61
CA PHE A 106 -19.15 25.27 -4.78
C PHE A 106 -19.71 26.12 -3.61
N THR A 107 -20.59 27.11 -3.90
CA THR A 107 -21.19 28.01 -2.90
C THR A 107 -22.00 27.24 -1.86
N LYS A 108 -22.86 26.29 -2.30
CA LYS A 108 -23.70 25.49 -1.42
C LYS A 108 -22.94 24.34 -0.75
N ARG A 109 -21.70 24.06 -1.22
CA ARG A 109 -20.83 23.04 -0.64
C ARG A 109 -21.54 21.70 -0.71
N GLN A 110 -21.95 21.34 -1.95
CA GLN A 110 -22.83 20.21 -2.30
C GLN A 110 -22.05 18.93 -2.54
N TYR A 111 -21.37 18.46 -1.47
CA TYR A 111 -20.44 17.34 -1.54
C TYR A 111 -21.15 16.04 -1.25
N PRO A 112 -20.88 14.97 -2.04
CA PRO A 112 -21.27 13.61 -1.60
C PRO A 112 -20.73 13.41 -0.19
N GLU A 113 -21.54 12.78 0.70
CA GLU A 113 -21.10 12.40 2.03
C GLU A 113 -19.89 11.47 1.91
N THR A 114 -18.87 11.75 2.71
CA THR A 114 -17.61 10.99 2.73
C THR A 114 -17.28 10.52 4.17
N LYS A 115 -16.30 9.62 4.29
CA LYS A 115 -15.76 9.22 5.57
C LYS A 115 -14.22 9.13 5.48
N ILE A 116 -13.54 9.60 6.52
CA ILE A 116 -12.09 9.48 6.68
C ILE A 116 -11.85 8.05 7.13
N ILE A 117 -10.92 7.36 6.46
CA ILE A 117 -10.51 5.99 6.74
C ILE A 117 -9.01 5.99 7.00
N LYS A 118 -8.52 4.97 7.66
CA LYS A 118 -7.09 4.72 7.80
C LYS A 118 -6.69 3.68 6.75
N THR A 119 -5.73 4.02 5.91
CA THR A 119 -5.14 3.13 4.93
C THR A 119 -3.91 2.51 5.64
N LEU A 120 -3.33 1.45 5.04
CA LEU A 120 -2.13 0.77 5.54
C LEU A 120 -0.80 1.52 5.24
N GLN A 121 -0.65 2.09 4.02
CA GLN A 121 0.64 2.69 3.62
C GLN A 121 0.59 4.20 3.36
N ARG A 122 -0.62 4.74 3.20
CA ARG A 122 -0.76 6.11 2.70
C ARG A 122 -1.38 7.05 3.71
N GLY A 123 -1.30 6.72 5.00
CA GLY A 123 -1.90 7.45 6.11
C GLY A 123 -3.41 7.40 6.08
N TRP A 124 -4.04 8.51 6.46
CA TRP A 124 -5.50 8.73 6.34
C TRP A 124 -5.92 8.99 4.87
N GLY A 125 -7.12 8.53 4.53
CA GLY A 125 -7.70 8.62 3.20
C GLY A 125 -9.16 9.05 3.27
N LEU A 126 -9.85 9.27 2.11
CA LEU A 126 -11.28 9.62 2.05
C LEU A 126 -12.00 8.61 1.16
N VAL A 127 -13.16 8.08 1.62
CA VAL A 127 -14.09 7.26 0.79
C VAL A 127 -15.47 7.96 0.75
N ALA A 128 -16.32 7.69 -0.23
CA ALA A 128 -17.69 8.24 -0.13
C ALA A 128 -18.74 7.21 0.32
N LYS A 129 -19.88 7.75 0.82
CA LYS A 129 -21.00 7.01 1.44
C LYS A 129 -22.11 6.71 0.43
N ARG A 130 -22.06 7.37 -0.74
CA ARG A 130 -22.91 7.01 -1.87
C ARG A 130 -22.09 6.82 -3.16
N ASP A 131 -22.71 6.16 -4.16
CA ASP A 131 -22.18 6.07 -5.51
C ASP A 131 -22.08 7.46 -6.11
N ILE A 132 -20.99 7.73 -6.81
CA ILE A 132 -20.75 8.99 -7.50
C ILE A 132 -20.68 8.65 -9.00
N ARG A 133 -21.36 9.44 -9.87
CA ARG A 133 -21.35 9.28 -11.33
C ARG A 133 -20.19 10.06 -11.95
N LYS A 134 -19.66 9.59 -13.11
CA LYS A 134 -18.64 10.29 -13.90
C LYS A 134 -19.00 11.77 -14.11
N GLY A 135 -18.03 12.64 -13.90
CA GLY A 135 -18.17 14.08 -14.10
C GLY A 135 -18.72 14.86 -12.91
N GLU A 136 -19.29 14.15 -11.91
CA GLU A 136 -19.92 14.71 -10.72
C GLU A 136 -18.91 15.41 -9.83
N PHE A 137 -19.28 16.62 -9.33
CA PHE A 137 -18.69 17.35 -8.20
C PHE A 137 -18.56 16.51 -6.95
N VAL A 138 -17.32 16.34 -6.49
CA VAL A 138 -16.99 15.53 -5.31
C VAL A 138 -16.70 16.48 -4.09
N ASN A 139 -15.91 17.53 -4.30
CA ASN A 139 -15.44 18.37 -3.21
C ASN A 139 -14.74 19.61 -3.75
N GLU A 140 -14.52 20.62 -2.89
CA GLU A 140 -13.63 21.73 -3.25
C GLU A 140 -12.35 21.61 -2.46
N TYR A 141 -11.21 21.75 -3.14
CA TYR A 141 -9.93 21.81 -2.47
C TYR A 141 -9.77 23.20 -1.86
N VAL A 142 -9.89 23.25 -0.53
CA VAL A 142 -9.93 24.49 0.26
C VAL A 142 -8.66 24.51 1.19
N GLY A 143 -8.26 25.67 1.67
CA GLY A 143 -7.06 25.77 2.49
C GLY A 143 -6.62 27.18 2.73
N GLU A 144 -5.39 27.34 3.22
CA GLU A 144 -4.80 28.65 3.42
C GLU A 144 -4.17 29.14 2.10
N LEU A 145 -4.60 30.33 1.62
CA LEU A 145 -4.16 30.83 0.32
C LEU A 145 -2.84 31.56 0.45
N ILE A 146 -1.82 31.08 -0.24
CA ILE A 146 -0.46 31.64 -0.05
C ILE A 146 0.19 31.99 -1.37
N ASP A 147 1.17 32.90 -1.38
CA ASP A 147 1.87 33.17 -2.64
C ASP A 147 3.07 32.22 -2.74
N GLU A 148 3.81 32.26 -3.86
CA GLU A 148 4.86 31.31 -4.16
C GLU A 148 6.08 31.42 -3.23
N GLU A 149 6.55 32.66 -2.93
CA GLU A 149 7.59 32.88 -1.94
C GLU A 149 7.25 32.15 -0.65
N GLU A 150 6.03 32.37 -0.10
CA GLU A 150 5.55 31.76 1.16
C GLU A 150 5.54 30.22 1.10
N CYS A 151 5.03 29.65 -0.03
CA CYS A 151 4.97 28.22 -0.29
C CYS A 151 6.37 27.58 -0.24
N MET A 152 7.32 28.19 -0.96
CA MET A 152 8.70 27.76 -1.05
C MET A 152 9.36 27.78 0.31
N ALA A 153 9.12 28.84 1.11
CA ALA A 153 9.60 28.91 2.50
C ALA A 153 9.03 27.76 3.38
N ARG A 154 7.71 27.47 3.29
CA ARG A 154 7.08 26.37 4.02
C ARG A 154 7.67 25.00 3.64
N ILE A 155 7.82 24.71 2.33
CA ILE A 155 8.44 23.48 1.82
C ILE A 155 9.89 23.30 2.33
N LYS A 156 10.70 24.37 2.27
CA LYS A 156 12.10 24.39 2.72
C LYS A 156 12.20 24.11 4.20
N HIS A 157 11.33 24.75 4.99
CA HIS A 157 11.20 24.49 6.42
C HIS A 157 10.77 23.04 6.69
N ALA A 158 9.76 22.52 5.95
CA ALA A 158 9.27 21.15 6.10
C ALA A 158 10.39 20.12 5.83
N HIS A 159 11.12 20.28 4.71
CA HIS A 159 12.21 19.40 4.28
C HIS A 159 13.37 19.34 5.29
N GLU A 160 13.67 20.51 5.94
CA GLU A 160 14.67 20.63 6.99
C GLU A 160 14.24 19.96 8.29
N ASN A 161 12.90 19.88 8.52
CA ASN A 161 12.33 19.40 9.79
C ASN A 161 11.77 17.98 9.68
N ASP A 162 12.15 17.26 8.60
CA ASP A 162 11.77 15.87 8.29
C ASP A 162 10.25 15.68 8.15
N ILE A 163 9.52 16.77 7.81
CA ILE A 163 8.09 16.71 7.52
C ILE A 163 7.89 16.06 6.15
N THR A 164 7.05 15.02 6.11
CA THR A 164 6.85 14.25 4.88
C THR A 164 5.47 14.48 4.26
N HIS A 165 4.54 15.11 4.99
CA HIS A 165 3.15 15.32 4.55
C HIS A 165 2.95 16.73 3.98
N PHE A 166 2.49 16.80 2.74
CA PHE A 166 2.30 18.08 2.05
C PHE A 166 0.89 18.18 1.54
N TYR A 167 0.37 19.41 1.55
CA TYR A 167 -1.03 19.70 1.19
C TYR A 167 -1.11 20.92 0.27
N MET A 168 -0.03 21.20 -0.50
CA MET A 168 0.11 22.39 -1.38
C MET A 168 -0.48 22.10 -2.77
N LEU A 169 -1.43 22.91 -3.25
CA LEU A 169 -1.93 22.71 -4.60
C LEU A 169 -1.99 24.09 -5.31
N THR A 170 -1.32 24.21 -6.47
CA THR A 170 -1.30 25.45 -7.26
C THR A 170 -2.66 25.79 -7.84
N ILE A 171 -3.12 27.04 -7.67
CA ILE A 171 -4.28 27.60 -8.38
C ILE A 171 -3.75 28.14 -9.70
N ASP A 172 -2.80 29.09 -9.63
CA ASP A 172 -2.10 29.72 -10.80
C ASP A 172 -0.73 30.16 -10.32
N LYS A 173 0.10 30.85 -11.12
CA LYS A 173 1.37 31.35 -10.58
C LYS A 173 1.09 32.30 -9.38
N ASP A 174 1.85 32.14 -8.33
CA ASP A 174 1.74 33.02 -7.14
C ASP A 174 0.36 32.93 -6.37
N ARG A 175 -0.45 31.90 -6.61
CA ARG A 175 -1.52 31.48 -5.70
C ARG A 175 -1.54 29.99 -5.48
N ILE A 176 -1.17 29.54 -4.27
CA ILE A 176 -1.13 28.13 -3.86
C ILE A 176 -2.09 27.86 -2.66
N ILE A 177 -2.92 26.80 -2.76
CA ILE A 177 -3.76 26.41 -1.61
C ILE A 177 -2.94 25.52 -0.70
N ASP A 178 -2.72 25.93 0.57
CA ASP A 178 -2.11 25.04 1.53
C ASP A 178 -3.16 24.53 2.50
N ALA A 179 -3.63 23.29 2.29
CA ALA A 179 -4.65 22.62 3.08
C ALA A 179 -4.08 21.90 4.31
N GLY A 180 -2.78 22.13 4.60
CA GLY A 180 -2.09 21.63 5.80
C GLY A 180 -2.62 22.13 7.12
N PRO A 181 -2.50 23.46 7.40
CA PRO A 181 -3.05 24.01 8.64
C PRO A 181 -4.58 23.99 8.70
N LYS A 182 -5.21 24.23 7.57
CA LYS A 182 -6.67 24.39 7.53
C LYS A 182 -7.13 23.90 6.16
N GLY A 183 -8.28 23.26 6.11
CA GLY A 183 -8.84 22.75 4.88
C GLY A 183 -10.16 22.07 5.12
N ASN A 184 -10.64 21.30 4.16
CA ASN A 184 -11.79 20.46 4.43
C ASN A 184 -11.41 18.98 4.21
N TYR A 185 -12.39 18.09 3.91
CA TYR A 185 -12.11 16.66 3.75
C TYR A 185 -11.23 16.33 2.53
N SER A 186 -11.16 17.23 1.51
CA SER A 186 -10.37 16.98 0.27
C SER A 186 -8.88 16.90 0.60
N ARG A 187 -8.44 17.37 1.80
CA ARG A 187 -7.05 17.29 2.27
C ARG A 187 -6.67 15.86 2.57
N PHE A 188 -7.67 14.97 2.78
CA PHE A 188 -7.42 13.53 3.02
C PHE A 188 -7.37 12.69 1.75
N MET A 189 -7.69 13.28 0.56
CA MET A 189 -7.67 12.55 -0.70
C MET A 189 -6.22 12.27 -1.10
N ASN A 190 -5.89 11.00 -1.28
CA ASN A 190 -4.55 10.53 -1.59
C ASN A 190 -4.28 10.58 -3.09
N HIS A 191 -2.98 10.43 -3.44
CA HIS A 191 -2.53 10.40 -4.84
C HIS A 191 -2.69 9.01 -5.40
N SER A 192 -3.29 8.92 -6.59
CA SER A 192 -3.13 7.71 -7.32
C SER A 192 -2.65 8.02 -8.72
N CYS A 193 -1.80 7.12 -9.24
CA CYS A 193 -1.42 7.00 -10.64
C CYS A 193 -2.58 6.57 -11.52
N GLN A 194 -3.65 6.02 -10.90
CA GLN A 194 -4.87 5.71 -11.66
C GLN A 194 -6.02 6.32 -10.90
N PRO A 195 -6.19 7.64 -10.99
CA PRO A 195 -7.14 8.31 -10.09
C PRO A 195 -8.58 8.18 -10.56
N ASN A 196 -9.53 8.34 -9.63
CA ASN A 196 -10.95 8.32 -10.01
C ASN A 196 -11.55 9.73 -9.99
N CYS A 197 -10.74 10.75 -9.55
CA CYS A 197 -11.08 12.17 -9.46
C CYS A 197 -10.01 13.01 -10.12
N GLU A 198 -10.39 14.22 -10.52
CA GLU A 198 -9.46 15.20 -11.09
C GLU A 198 -9.80 16.56 -10.60
N THR A 199 -8.78 17.44 -10.54
CA THR A 199 -9.06 18.85 -10.25
C THR A 199 -9.48 19.61 -11.50
N LEU A 200 -10.50 20.48 -11.36
CA LEU A 200 -10.86 21.44 -12.42
C LEU A 200 -11.07 22.83 -11.83
N LYS A 201 -10.49 23.83 -12.46
CA LYS A 201 -10.49 25.23 -12.01
C LYS A 201 -11.75 25.92 -12.53
N TRP A 202 -12.64 26.33 -11.62
CA TRP A 202 -13.91 27.00 -11.93
C TRP A 202 -13.83 28.46 -11.53
N THR A 203 -14.63 29.33 -12.20
CA THR A 203 -14.84 30.70 -11.74
C THR A 203 -16.10 30.82 -10.88
N VAL A 204 -15.92 31.21 -9.63
CA VAL A 204 -17.02 31.31 -8.65
C VAL A 204 -16.86 32.64 -7.95
N ASN A 205 -17.89 33.51 -8.07
CA ASN A 205 -18.01 34.85 -7.45
C ASN A 205 -16.75 35.69 -7.68
N GLY A 206 -16.30 35.76 -8.92
CA GLY A 206 -15.16 36.58 -9.27
C GLY A 206 -13.80 35.97 -9.05
N ASP A 207 -13.69 34.75 -8.51
CA ASP A 207 -12.35 34.19 -8.35
C ASP A 207 -12.24 32.71 -8.78
N THR A 208 -10.98 32.23 -9.00
CA THR A 208 -10.69 30.81 -9.28
C THR A 208 -10.86 29.93 -8.03
N ARG A 209 -11.55 28.81 -8.20
CA ARG A 209 -11.80 27.79 -7.18
C ARG A 209 -11.48 26.41 -7.73
N VAL A 210 -10.85 25.54 -6.92
CA VAL A 210 -10.42 24.20 -7.35
C VAL A 210 -11.43 23.15 -6.94
N GLY A 211 -12.15 22.60 -7.93
CA GLY A 211 -13.07 21.49 -7.68
C GLY A 211 -12.42 20.15 -7.91
N LEU A 212 -12.87 19.15 -7.17
CA LEU A 212 -12.62 17.76 -7.43
C LEU A 212 -13.86 17.18 -8.06
N PHE A 213 -13.68 16.52 -9.22
CA PHE A 213 -14.74 15.90 -10.01
C PHE A 213 -14.38 14.47 -10.34
N ALA A 214 -15.38 13.58 -10.37
CA ALA A 214 -15.15 12.19 -10.77
C ALA A 214 -14.80 12.03 -12.27
N VAL A 215 -13.76 11.24 -12.58
CA VAL A 215 -13.37 10.89 -13.96
C VAL A 215 -14.03 9.57 -14.43
N CYS A 216 -14.67 8.84 -13.53
CA CYS A 216 -15.38 7.60 -13.80
C CYS A 216 -16.51 7.46 -12.79
N ASP A 217 -17.36 6.41 -12.93
CA ASP A 217 -18.32 6.05 -11.90
C ASP A 217 -17.55 5.51 -10.68
N ILE A 218 -17.92 5.95 -9.47
CA ILE A 218 -17.26 5.54 -8.23
C ILE A 218 -18.25 4.86 -7.32
N PRO A 219 -18.09 3.53 -7.08
CA PRO A 219 -19.01 2.82 -6.16
C PRO A 219 -18.77 3.32 -4.73
N ALA A 220 -19.84 3.40 -3.90
CA ALA A 220 -19.70 3.78 -2.49
C ALA A 220 -18.60 2.91 -1.81
N GLY A 221 -17.80 3.51 -0.94
CA GLY A 221 -16.79 2.78 -0.18
C GLY A 221 -15.45 2.66 -0.86
N THR A 222 -15.32 3.20 -2.08
CA THR A 222 -14.06 3.24 -2.85
C THR A 222 -13.29 4.51 -2.44
N GLU A 223 -11.99 4.37 -2.15
CA GLU A 223 -11.12 5.50 -1.85
C GLU A 223 -11.09 6.52 -3.02
N LEU A 224 -11.34 7.80 -2.68
CA LEU A 224 -11.35 8.95 -3.60
C LEU A 224 -9.93 9.44 -3.75
N THR A 225 -9.47 9.52 -5.01
CA THR A 225 -8.06 9.84 -5.30
C THR A 225 -7.90 10.81 -6.45
N PHE A 226 -6.75 11.45 -6.55
CA PHE A 226 -6.45 12.27 -7.72
C PHE A 226 -4.95 12.25 -8.03
N ASN A 227 -4.54 12.65 -9.23
CA ASN A 227 -3.13 12.66 -9.64
C ASN A 227 -2.42 13.96 -9.16
N TYR A 228 -1.58 13.87 -8.14
CA TYR A 228 -0.90 15.03 -7.56
C TYR A 228 0.17 15.61 -8.49
N ASN A 229 0.62 14.84 -9.52
CA ASN A 229 1.67 15.38 -10.44
C ASN A 229 1.22 16.64 -11.07
N LEU A 230 -0.04 16.70 -11.43
CA LEU A 230 -0.61 17.81 -12.20
C LEU A 230 -0.44 19.22 -11.54
N ASP A 231 -0.56 19.34 -10.21
CA ASP A 231 -0.73 20.66 -9.50
C ASP A 231 -0.14 20.74 -8.10
N CYS A 232 0.30 19.61 -7.53
CA CYS A 232 0.76 19.60 -6.13
C CYS A 232 2.29 19.76 -6.04
N LEU A 233 2.79 20.29 -4.91
CA LEU A 233 4.20 20.68 -4.72
C LEU A 233 4.77 19.96 -3.51
N GLY A 234 6.09 19.74 -3.51
CA GLY A 234 6.84 19.23 -2.35
C GLY A 234 7.02 17.73 -2.31
N ASN A 235 6.38 16.99 -3.25
CA ASN A 235 6.30 15.51 -3.19
C ASN A 235 7.36 14.77 -4.03
N GLU A 236 8.35 15.49 -4.61
CA GLU A 236 9.37 14.95 -5.53
C GLU A 236 10.13 13.75 -4.95
N LYS A 237 10.31 13.73 -3.62
CA LYS A 237 11.05 12.69 -2.87
C LYS A 237 10.13 11.58 -2.34
N THR A 238 8.81 11.78 -2.30
CA THR A 238 7.88 10.81 -1.71
C THR A 238 7.65 9.62 -2.65
N VAL A 239 7.96 8.41 -2.16
CA VAL A 239 7.76 7.17 -2.92
C VAL A 239 6.24 6.88 -2.97
N CYS A 240 5.71 6.53 -4.15
CA CYS A 240 4.29 6.20 -4.34
C CYS A 240 3.95 4.80 -3.91
N ARG A 241 2.86 4.65 -3.12
CA ARG A 241 2.35 3.36 -2.71
C ARG A 241 0.88 3.19 -3.11
N CYS A 242 0.45 3.79 -4.28
CA CYS A 242 -0.93 3.79 -4.76
C CYS A 242 -1.38 2.37 -5.12
N GLY A 243 -0.42 1.50 -5.43
CA GLY A 243 -0.67 0.12 -5.79
C GLY A 243 -1.14 -0.14 -7.21
N ALA A 244 -1.50 0.92 -8.01
CA ALA A 244 -1.99 0.80 -9.41
C ALA A 244 -0.99 0.03 -10.29
N SER A 245 -1.48 -0.69 -11.29
CA SER A 245 -0.57 -1.37 -12.24
C SER A 245 0.34 -0.40 -13.05
N ASN A 246 -0.12 0.82 -13.30
CA ASN A 246 0.69 1.82 -14.02
C ASN A 246 1.52 2.73 -13.08
N CYS A 247 1.73 2.34 -11.81
CA CYS A 247 2.46 3.19 -10.87
C CYS A 247 3.87 3.60 -11.33
N SER A 248 4.10 4.89 -11.49
CA SER A 248 5.40 5.44 -11.88
C SER A 248 6.42 5.49 -10.73
N GLY A 249 5.95 5.44 -9.47
CA GLY A 249 6.79 5.31 -8.28
C GLY A 249 6.94 6.53 -7.39
N PHE A 250 6.54 7.71 -7.85
CA PHE A 250 6.57 8.92 -7.03
C PHE A 250 5.30 9.74 -7.24
N LEU A 251 5.08 10.72 -6.36
CA LEU A 251 3.89 11.56 -6.30
C LEU A 251 4.12 12.82 -7.09
N GLY A 252 5.39 13.19 -7.24
CA GLY A 252 5.82 14.36 -7.98
C GLY A 252 7.17 14.17 -8.63
N ARG B 25 -9.89 -43.08 -0.66
CA ARG B 25 -11.26 -43.07 -1.22
C ARG B 25 -11.22 -43.37 -2.75
N GLU B 26 -11.39 -42.29 -3.56
CA GLU B 26 -10.95 -42.15 -4.93
C GLU B 26 -9.43 -42.04 -4.93
N LEU B 27 -8.87 -41.35 -3.89
CA LEU B 27 -7.43 -41.16 -3.68
C LEU B 27 -6.71 -42.52 -3.64
N ARG B 28 -7.21 -43.46 -2.79
CA ARG B 28 -6.68 -44.81 -2.65
C ARG B 28 -6.76 -45.55 -3.97
N GLU B 29 -7.95 -45.54 -4.63
CA GLU B 29 -8.26 -46.19 -5.90
C GLU B 29 -7.24 -45.90 -7.03
N THR B 30 -6.78 -44.63 -7.16
CA THR B 30 -5.79 -44.22 -8.18
C THR B 30 -4.44 -44.96 -8.04
N GLN B 31 -4.05 -45.33 -6.77
CA GLN B 31 -2.98 -46.26 -6.32
C GLN B 31 -1.77 -46.34 -7.23
N GLU B 32 -1.11 -45.19 -7.42
CA GLU B 32 0.17 -45.05 -8.12
C GLU B 32 0.97 -43.94 -7.42
N SER B 33 1.77 -44.34 -6.39
CA SER B 33 2.68 -43.46 -5.64
C SER B 33 3.79 -42.95 -6.57
N GLU B 34 3.75 -41.63 -6.85
CA GLU B 34 4.62 -40.95 -7.80
C GLU B 34 6.04 -40.79 -7.26
N ARG B 35 7.02 -40.91 -8.16
CA ARG B 35 8.45 -40.97 -7.86
C ARG B 35 9.08 -39.58 -7.71
N LYS B 36 8.34 -38.52 -8.13
CA LYS B 36 8.80 -37.13 -8.22
C LYS B 36 7.65 -36.17 -7.82
N PRO B 37 7.89 -35.05 -7.12
CA PRO B 37 6.80 -34.05 -6.95
C PRO B 37 6.36 -33.48 -8.30
N PRO B 38 5.07 -33.05 -8.42
CA PRO B 38 4.64 -32.41 -9.66
C PRO B 38 5.44 -31.13 -10.00
N PRO B 39 5.44 -30.70 -11.30
CA PRO B 39 6.35 -29.62 -11.71
C PRO B 39 6.16 -28.23 -11.04
N TYR B 40 7.30 -27.56 -10.80
CA TYR B 40 7.35 -26.20 -10.27
C TYR B 40 8.69 -25.64 -10.82
N LYS B 41 8.79 -24.32 -10.92
CA LYS B 41 10.04 -23.70 -11.35
C LYS B 41 10.94 -23.43 -10.15
N HIS B 42 12.13 -24.05 -10.09
CA HIS B 42 13.07 -23.81 -8.99
C HIS B 42 13.79 -22.46 -9.15
N ILE B 43 13.53 -21.50 -8.24
CA ILE B 43 14.09 -20.14 -8.25
C ILE B 43 15.05 -19.89 -7.06
N LYS B 44 16.00 -18.94 -7.23
CA LYS B 44 16.92 -18.45 -6.19
C LYS B 44 16.28 -17.38 -5.30
N VAL B 45 15.53 -16.44 -5.93
CA VAL B 45 15.10 -15.16 -5.32
C VAL B 45 13.60 -14.95 -5.59
N ASN B 46 12.85 -14.26 -4.68
CA ASN B 46 11.47 -13.83 -4.96
C ASN B 46 11.33 -13.18 -6.35
N LYS B 47 10.24 -13.47 -7.02
CA LYS B 47 9.98 -12.96 -8.37
C LYS B 47 8.65 -12.25 -8.29
N PRO B 48 8.63 -10.90 -8.35
CA PRO B 48 7.35 -10.18 -8.32
C PRO B 48 6.46 -10.43 -9.53
N TYR B 49 5.13 -10.48 -9.27
CA TYR B 49 4.11 -10.68 -10.30
C TYR B 49 3.14 -9.53 -10.22
N GLY B 50 2.71 -9.06 -11.40
CA GLY B 50 1.66 -8.07 -11.59
C GLY B 50 1.92 -6.77 -10.88
N LYS B 51 0.94 -6.31 -10.06
CA LYS B 51 1.04 -4.98 -9.54
C LYS B 51 1.54 -4.92 -8.11
N VAL B 52 2.22 -5.97 -7.65
CA VAL B 52 2.82 -6.03 -6.31
C VAL B 52 3.89 -4.89 -6.14
N GLN B 53 4.02 -4.39 -4.88
CA GLN B 53 4.97 -3.35 -4.50
C GLN B 53 6.34 -3.90 -4.14
N ILE B 54 7.37 -3.20 -4.62
CA ILE B 54 8.79 -3.47 -4.38
C ILE B 54 9.35 -2.31 -3.55
N TYR B 55 10.19 -2.64 -2.59
CA TYR B 55 10.93 -1.67 -1.81
C TYR B 55 12.41 -1.92 -2.07
N THR B 56 13.19 -0.86 -2.10
CA THR B 56 14.63 -0.94 -2.34
C THR B 56 15.31 0.04 -1.40
N ALA B 57 16.60 -0.20 -1.13
CA ALA B 57 17.43 0.77 -0.44
C ALA B 57 18.70 0.94 -1.23
N ASP B 58 19.16 2.19 -1.28
CA ASP B 58 20.48 2.56 -1.74
C ASP B 58 21.43 2.14 -0.62
N ILE B 59 22.68 1.77 -0.97
CA ILE B 59 23.78 1.40 -0.08
C ILE B 59 23.78 2.28 1.21
N SER B 60 23.54 3.60 1.06
CA SER B 60 23.52 4.61 2.13
C SER B 60 22.46 4.37 3.20
N GLU B 61 21.29 3.81 2.81
CA GLU B 61 20.14 3.57 3.72
C GLU B 61 20.26 2.29 4.55
N ILE B 62 21.18 1.36 4.18
CA ILE B 62 21.33 0.08 4.90
C ILE B 62 22.03 0.29 6.26
N PRO B 63 21.46 -0.21 7.40
CA PRO B 63 22.12 -0.01 8.70
C PRO B 63 23.54 -0.59 8.77
N LYS B 64 24.36 0.00 9.65
CA LYS B 64 25.77 -0.33 9.84
C LYS B 64 25.93 -0.72 11.29
N CYS B 65 26.44 -1.93 11.55
CA CYS B 65 26.70 -2.42 12.91
C CYS B 65 27.98 -1.81 13.48
N ASN B 66 28.35 -2.18 14.73
CA ASN B 66 29.61 -1.75 15.38
C ASN B 66 30.58 -2.96 15.65
N CYS B 67 30.52 -3.99 14.78
CA CYS B 67 31.47 -5.12 14.76
C CYS B 67 32.78 -4.67 14.15
N PRO B 74 32.63 -12.56 13.85
CA PRO B 74 32.19 -11.22 13.43
C PRO B 74 30.84 -11.29 12.73
N CYS B 75 29.85 -10.51 13.20
CA CYS B 75 28.48 -10.49 12.69
C CYS B 75 27.77 -11.84 12.82
N GLY B 76 28.48 -12.83 13.33
CA GLY B 76 28.05 -14.22 13.47
C GLY B 76 26.90 -14.44 14.41
N PHE B 77 26.40 -15.68 14.46
CA PHE B 77 25.27 -16.08 15.30
C PHE B 77 25.47 -15.81 16.79
N ASP B 78 26.71 -16.04 17.29
CA ASP B 78 27.04 -15.86 18.70
C ASP B 78 27.58 -14.44 18.99
N SER B 79 27.65 -13.58 17.94
CA SER B 79 28.16 -12.21 18.05
C SER B 79 27.15 -11.22 18.65
N GLU B 80 27.65 -10.05 19.06
CA GLU B 80 26.82 -8.96 19.60
C GLU B 80 26.39 -7.97 18.49
N CYS B 81 26.25 -8.46 17.22
CA CYS B 81 25.94 -7.65 16.03
C CYS B 81 24.60 -6.94 16.16
N LEU B 82 24.63 -5.60 16.08
CA LEU B 82 23.49 -4.68 16.15
C LEU B 82 22.52 -5.00 15.04
N ASN B 83 23.03 -5.22 13.80
CA ASN B 83 22.26 -5.62 12.63
C ASN B 83 21.59 -6.99 12.82
N ARG B 84 22.37 -7.97 13.32
CA ARG B 84 21.86 -9.31 13.53
C ARG B 84 20.72 -9.35 14.52
N MET B 85 20.91 -8.73 15.68
CA MET B 85 19.94 -8.62 16.76
C MET B 85 18.60 -8.07 16.33
N LEU B 86 18.63 -7.05 15.43
CA LEU B 86 17.45 -6.35 14.93
C LEU B 86 16.90 -6.96 13.66
N MET B 87 17.51 -8.10 13.20
CA MET B 87 17.07 -8.88 12.04
C MET B 87 17.25 -8.07 10.74
N PHE B 88 18.36 -7.33 10.67
CA PHE B 88 18.82 -6.66 9.47
C PHE B 88 20.04 -7.41 8.95
N GLU B 89 20.06 -7.65 7.64
CA GLU B 89 21.21 -8.26 6.96
C GLU B 89 22.23 -7.17 6.65
N CYS B 90 23.54 -7.44 6.85
CA CYS B 90 24.60 -6.49 6.47
C CYS B 90 24.82 -6.49 4.98
N HIS B 91 25.16 -5.32 4.43
CA HIS B 91 25.57 -5.17 3.04
C HIS B 91 27.10 -5.28 2.95
N PRO B 92 27.67 -6.08 1.98
CA PRO B 92 29.15 -6.20 1.88
C PRO B 92 29.94 -4.87 1.87
N GLN B 93 29.38 -3.84 1.18
CA GLN B 93 29.93 -2.47 1.04
C GLN B 93 29.76 -1.64 2.31
N VAL B 94 28.75 -1.95 3.14
CA VAL B 94 28.44 -1.13 4.32
C VAL B 94 29.16 -1.68 5.57
N CYS B 95 29.21 -3.01 5.74
CA CYS B 95 29.68 -3.60 6.99
C CYS B 95 31.15 -3.23 7.34
N PRO B 96 31.38 -2.76 8.60
CA PRO B 96 32.75 -2.54 9.07
C PRO B 96 33.61 -3.81 9.25
N ALA B 97 32.96 -5.00 9.31
CA ALA B 97 33.64 -6.31 9.38
C ALA B 97 34.17 -6.76 8.03
N GLY B 98 33.79 -6.02 6.98
CA GLY B 98 34.16 -6.25 5.59
C GLY B 98 33.68 -7.58 5.09
N GLU B 99 34.66 -8.46 4.78
CA GLU B 99 34.47 -9.80 4.23
C GLU B 99 34.35 -10.87 5.30
N PHE B 100 34.73 -10.51 6.53
CA PHE B 100 34.62 -11.40 7.70
C PHE B 100 33.23 -11.32 8.36
N CYS B 101 32.30 -10.57 7.73
CA CYS B 101 30.89 -10.49 8.10
C CYS B 101 30.23 -11.84 7.87
N GLN B 102 29.65 -12.40 8.93
CA GLN B 102 28.91 -13.66 8.89
C GLN B 102 27.40 -13.39 8.96
N ASN B 103 26.96 -12.17 8.55
CA ASN B 103 25.55 -11.77 8.54
C ASN B 103 25.10 -11.39 7.13
N GLN B 104 25.25 -12.34 6.21
CA GLN B 104 24.90 -12.16 4.79
C GLN B 104 24.14 -13.37 4.20
N CYS B 105 23.51 -14.17 5.10
CA CYS B 105 22.87 -15.47 4.88
C CYS B 105 21.88 -15.48 3.72
N PHE B 106 20.99 -14.48 3.67
CA PHE B 106 19.96 -14.41 2.64
C PHE B 106 20.55 -14.20 1.26
N THR B 107 21.40 -13.17 1.08
CA THR B 107 22.07 -12.82 -0.19
C THR B 107 22.94 -13.98 -0.71
N LYS B 108 23.80 -14.57 0.16
CA LYS B 108 24.68 -15.68 -0.20
C LYS B 108 23.96 -17.04 -0.26
N ARG B 109 22.70 -17.12 0.22
CA ARG B 109 21.87 -18.34 0.17
C ARG B 109 22.58 -19.48 0.89
N GLN B 110 22.90 -19.23 2.16
CA GLN B 110 23.72 -20.13 2.97
C GLN B 110 22.87 -21.15 3.75
N TYR B 111 22.36 -22.17 3.02
CA TYR B 111 21.39 -23.15 3.55
C TYR B 111 22.07 -24.47 3.88
N PRO B 112 21.69 -25.12 5.03
CA PRO B 112 22.06 -26.54 5.21
C PRO B 112 21.59 -27.33 4.00
N GLU B 113 22.40 -28.28 3.51
CA GLU B 113 22.00 -29.21 2.45
C GLU B 113 20.77 -29.99 2.92
N THR B 114 19.75 -30.06 2.04
CA THR B 114 18.49 -30.73 2.31
C THR B 114 18.18 -31.78 1.25
N LYS B 115 17.17 -32.62 1.51
CA LYS B 115 16.64 -33.55 0.51
C LYS B 115 15.11 -33.62 0.61
N ILE B 116 14.45 -33.70 -0.51
CA ILE B 116 13.00 -33.94 -0.62
C ILE B 116 12.77 -35.41 -0.35
N ILE B 117 11.84 -35.71 0.56
CA ILE B 117 11.44 -37.08 0.93
C ILE B 117 9.95 -37.22 0.70
N LYS B 118 9.48 -38.44 0.61
CA LYS B 118 8.05 -38.74 0.60
C LYS B 118 7.66 -39.17 2.01
N THR B 119 6.70 -38.48 2.59
CA THR B 119 6.13 -38.82 3.88
C THR B 119 4.93 -39.73 3.60
N LEU B 120 4.43 -40.41 4.66
CA LEU B 120 3.30 -41.32 4.58
C LEU B 120 1.99 -40.54 4.69
N GLN B 121 2.01 -39.43 5.46
CA GLN B 121 0.80 -38.74 5.91
C GLN B 121 0.54 -37.34 5.30
N ARG B 122 1.60 -36.70 4.75
CA ARG B 122 1.63 -35.30 4.40
C ARG B 122 2.27 -35.01 3.03
N GLY B 123 2.36 -36.01 2.12
CA GLY B 123 2.88 -35.82 0.76
C GLY B 123 4.40 -35.69 0.78
N TRP B 124 4.94 -34.81 -0.07
CA TRP B 124 6.38 -34.54 -0.06
C TRP B 124 6.77 -33.65 1.14
N GLY B 125 7.97 -33.87 1.67
CA GLY B 125 8.51 -33.16 2.81
C GLY B 125 9.97 -32.83 2.60
N LEU B 126 10.58 -32.23 3.63
CA LEU B 126 11.97 -31.79 3.48
C LEU B 126 12.72 -32.21 4.69
N VAL B 127 13.95 -32.66 4.50
CA VAL B 127 14.84 -33.16 5.55
C VAL B 127 16.18 -32.46 5.33
N ALA B 128 17.00 -32.28 6.39
CA ALA B 128 18.39 -31.84 6.15
C ALA B 128 19.39 -33.03 6.19
N LYS B 129 20.56 -32.85 5.54
CA LYS B 129 21.63 -33.82 5.37
C LYS B 129 22.68 -33.69 6.48
N ARG B 130 22.61 -32.61 7.24
CA ARG B 130 23.41 -32.45 8.46
C ARG B 130 22.54 -32.04 9.66
N ASP B 131 23.08 -32.22 10.88
CA ASP B 131 22.50 -31.70 12.12
C ASP B 131 22.44 -30.18 12.03
N ILE B 132 21.32 -29.61 12.49
CA ILE B 132 21.10 -28.18 12.54
C ILE B 132 21.00 -27.80 14.03
N ARG B 133 21.69 -26.70 14.44
CA ARG B 133 21.61 -26.15 15.80
C ARG B 133 20.45 -25.16 15.94
N LYS B 134 19.87 -25.02 17.15
CA LYS B 134 18.85 -24.03 17.50
C LYS B 134 19.28 -22.61 17.05
N GLY B 135 18.35 -21.88 16.41
CA GLY B 135 18.60 -20.51 15.94
C GLY B 135 19.22 -20.39 14.56
N GLU B 136 19.82 -21.49 14.03
CA GLU B 136 20.42 -21.55 12.68
C GLU B 136 19.42 -21.26 11.53
N PHE B 137 19.83 -20.41 10.59
CA PHE B 137 19.23 -20.18 9.29
C PHE B 137 19.18 -21.50 8.52
N VAL B 138 17.95 -21.93 8.15
CA VAL B 138 17.65 -23.17 7.45
C VAL B 138 17.42 -22.90 5.92
N ASN B 139 16.63 -21.89 5.60
CA ASN B 139 16.24 -21.61 4.23
C ASN B 139 15.54 -20.24 4.12
N GLU B 140 15.39 -19.71 2.89
CA GLU B 140 14.51 -18.57 2.67
C GLU B 140 13.27 -19.04 1.97
N TYR B 141 12.11 -18.60 2.47
CA TYR B 141 10.86 -18.87 1.77
C TYR B 141 10.74 -17.90 0.60
N VAL B 142 10.81 -18.43 -0.60
CA VAL B 142 10.93 -17.75 -1.86
C VAL B 142 9.78 -18.22 -2.75
N GLY B 143 9.40 -17.40 -3.69
CA GLY B 143 8.27 -17.74 -4.52
C GLY B 143 7.88 -16.60 -5.41
N GLU B 144 6.69 -16.69 -5.99
CA GLU B 144 6.14 -15.60 -6.78
C GLU B 144 5.49 -14.54 -5.86
N LEU B 145 5.94 -13.27 -5.93
CA LEU B 145 5.48 -12.23 -5.03
C LEU B 145 4.19 -11.61 -5.55
N ILE B 146 3.13 -11.66 -4.79
CA ILE B 146 1.80 -11.29 -5.30
C ILE B 146 1.11 -10.36 -4.30
N ASP B 147 0.14 -9.54 -4.75
CA ASP B 147 -0.64 -8.75 -3.81
C ASP B 147 -1.82 -9.55 -3.28
N GLU B 148 -2.61 -8.95 -2.37
CA GLU B 148 -3.70 -9.69 -1.74
C GLU B 148 -4.82 -10.02 -2.70
N GLU B 149 -5.21 -9.08 -3.55
CA GLU B 149 -6.20 -9.31 -4.61
C GLU B 149 -5.83 -10.54 -5.41
N GLU B 150 -4.58 -10.61 -5.91
CA GLU B 150 -4.08 -11.72 -6.73
C GLU B 150 -4.08 -13.07 -5.96
N CYS B 151 -3.67 -13.04 -4.70
CA CYS B 151 -3.68 -14.21 -3.79
C CYS B 151 -5.08 -14.79 -3.62
N MET B 152 -6.05 -13.92 -3.31
CA MET B 152 -7.45 -14.26 -3.15
C MET B 152 -8.04 -14.86 -4.42
N ALA B 153 -7.71 -14.29 -5.60
CA ALA B 153 -8.09 -14.85 -6.90
C ALA B 153 -7.52 -16.26 -7.11
N ARG B 154 -6.22 -16.49 -6.81
CA ARG B 154 -5.60 -17.81 -6.89
C ARG B 154 -6.27 -18.84 -5.97
N ILE B 155 -6.50 -18.51 -4.69
CA ILE B 155 -7.20 -19.36 -3.71
C ILE B 155 -8.61 -19.75 -4.21
N LYS B 156 -9.39 -18.76 -4.72
CA LYS B 156 -10.75 -18.96 -5.23
C LYS B 156 -10.76 -19.88 -6.43
N HIS B 157 -9.81 -19.68 -7.34
CA HIS B 157 -9.59 -20.58 -8.46
C HIS B 157 -9.20 -22.01 -8.00
N ALA B 158 -8.27 -22.14 -7.02
CA ALA B 158 -7.85 -23.42 -6.47
C ALA B 158 -9.04 -24.18 -5.84
N HIS B 159 -9.84 -23.50 -4.99
CA HIS B 159 -11.00 -24.06 -4.29
C HIS B 159 -12.08 -24.55 -5.27
N GLU B 160 -12.27 -23.83 -6.40
CA GLU B 160 -13.19 -24.22 -7.48
C GLU B 160 -12.69 -25.43 -8.27
N ASN B 161 -11.37 -25.63 -8.31
CA ASN B 161 -10.74 -26.66 -9.13
C ASN B 161 -10.29 -27.88 -8.29
N ASP B 162 -10.78 -27.97 -7.04
CA ASP B 162 -10.52 -29.04 -6.06
C ASP B 162 -9.02 -29.17 -5.71
N ILE B 163 -8.25 -28.08 -5.89
CA ILE B 163 -6.84 -28.02 -5.50
C ILE B 163 -6.75 -27.96 -3.97
N THR B 164 -5.97 -28.87 -3.39
CA THR B 164 -5.85 -29.01 -1.95
C THR B 164 -4.51 -28.50 -1.41
N HIS B 165 -3.50 -28.29 -2.29
CA HIS B 165 -2.14 -27.91 -1.89
C HIS B 165 -1.92 -26.39 -2.06
N PHE B 166 -1.51 -25.73 -0.98
CA PHE B 166 -1.33 -24.30 -0.97
C PHE B 166 0.07 -23.96 -0.49
N TYR B 167 0.63 -22.87 -1.03
CA TYR B 167 2.02 -22.46 -0.81
C TYR B 167 2.11 -20.94 -0.56
N MET B 168 1.05 -20.35 -0.02
CA MET B 168 0.91 -18.88 0.16
CA MET B 168 1.02 -18.88 0.11
C MET B 168 1.41 -18.46 1.54
N LEU B 169 2.35 -17.53 1.63
CA LEU B 169 2.79 -17.09 2.96
C LEU B 169 2.84 -15.54 2.92
N THR B 170 2.07 -14.87 3.80
CA THR B 170 2.03 -13.41 3.95
C THR B 170 3.40 -12.84 4.43
N ILE B 171 4.01 -11.89 3.66
CA ILE B 171 5.13 -11.03 4.08
C ILE B 171 4.54 -9.92 4.98
N ASP B 172 3.53 -9.28 4.48
CA ASP B 172 2.76 -8.24 5.17
C ASP B 172 1.46 -8.23 4.43
N LYS B 173 0.46 -7.52 4.95
CA LYS B 173 -0.76 -7.29 4.20
C LYS B 173 -0.39 -6.86 2.75
N ASP B 174 -1.18 -7.33 1.80
CA ASP B 174 -0.99 -7.04 0.39
C ASP B 174 0.39 -7.45 -0.18
N ARG B 175 1.24 -8.09 0.61
CA ARG B 175 2.31 -8.84 -0.06
C ARG B 175 2.39 -10.32 0.41
N ILE B 176 2.24 -11.23 -0.55
CA ILE B 176 2.19 -12.66 -0.27
C ILE B 176 3.19 -13.43 -1.16
N ILE B 177 3.97 -14.36 -0.54
CA ILE B 177 4.85 -15.22 -1.32
C ILE B 177 4.05 -16.44 -1.75
N ASP B 178 3.88 -16.66 -3.07
CA ASP B 178 3.26 -17.89 -3.54
C ASP B 178 4.31 -18.78 -4.14
N ALA B 179 4.73 -19.80 -3.34
CA ALA B 179 5.77 -20.77 -3.71
C ALA B 179 5.20 -21.95 -4.51
N GLY B 180 3.92 -21.88 -4.88
CA GLY B 180 3.26 -22.89 -5.73
C GLY B 180 3.82 -23.04 -7.13
N PRO B 181 3.71 -22.00 -7.98
CA PRO B 181 4.28 -22.10 -9.35
C PRO B 181 5.80 -22.09 -9.38
N LYS B 182 6.41 -21.33 -8.47
CA LYS B 182 7.87 -21.11 -8.47
CA LYS B 182 7.86 -21.06 -8.47
C LYS B 182 8.28 -21.05 -7.01
N GLY B 183 9.38 -21.72 -6.70
CA GLY B 183 9.84 -21.77 -5.31
C GLY B 183 11.23 -22.34 -5.18
N ASN B 184 11.71 -22.41 -3.96
CA ASN B 184 12.87 -23.25 -3.69
C ASN B 184 12.46 -24.48 -2.83
N TYR B 185 13.40 -25.12 -2.10
CA TYR B 185 13.08 -26.33 -1.32
C TYR B 185 12.18 -26.07 -0.10
N SER B 186 12.11 -24.80 0.39
CA SER B 186 11.27 -24.43 1.54
C SER B 186 9.79 -24.65 1.24
N ARG B 187 9.41 -24.81 -0.07
CA ARG B 187 8.04 -25.09 -0.49
C ARG B 187 7.60 -26.50 -0.09
N PHE B 188 8.56 -27.39 0.19
CA PHE B 188 8.29 -28.75 0.62
C PHE B 188 8.16 -28.89 2.15
N MET B 189 8.46 -27.84 2.91
CA MET B 189 8.38 -27.89 4.37
C MET B 189 6.93 -27.91 4.82
N ASN B 190 6.57 -28.99 5.55
CA ASN B 190 5.22 -29.25 6.02
C ASN B 190 4.90 -28.52 7.29
N HIS B 191 3.60 -28.43 7.60
CA HIS B 191 3.12 -27.84 8.85
C HIS B 191 3.27 -28.86 9.97
N SER B 192 3.73 -28.40 11.15
CA SER B 192 3.49 -29.08 12.41
C SER B 192 2.96 -28.16 13.48
N CYS B 193 2.06 -28.72 14.32
CA CYS B 193 1.62 -28.15 15.60
C CYS B 193 2.74 -28.16 16.63
N GLN B 194 3.81 -28.94 16.39
CA GLN B 194 5.00 -28.88 17.26
C GLN B 194 6.21 -28.72 16.36
N PRO B 195 6.41 -27.51 15.82
CA PRO B 195 7.41 -27.36 14.73
C PRO B 195 8.83 -27.29 15.21
N ASN B 196 9.79 -27.56 14.33
CA ASN B 196 11.21 -27.45 14.70
C ASN B 196 11.86 -26.21 14.06
N CYS B 197 11.11 -25.52 13.19
CA CYS B 197 11.49 -24.30 12.46
C CYS B 197 10.43 -23.24 12.61
N GLU B 198 10.83 -22.00 12.40
CA GLU B 198 9.90 -20.86 12.43
C GLU B 198 10.28 -19.86 11.37
N THR B 199 9.30 -19.13 10.85
CA THR B 199 9.59 -18.00 9.94
C THR B 199 9.94 -16.76 10.75
N LEU B 200 10.97 -16.02 10.28
CA LEU B 200 11.26 -14.68 10.82
C LEU B 200 11.49 -13.75 9.68
N LYS B 201 10.86 -12.56 9.74
CA LYS B 201 10.93 -11.52 8.72
C LYS B 201 12.16 -10.65 8.93
N TRP B 202 13.10 -10.72 8.01
CA TRP B 202 14.34 -9.94 8.04
C TRP B 202 14.28 -8.79 7.05
N THR B 203 15.02 -7.69 7.34
CA THR B 203 15.24 -6.62 6.35
C THR B 203 16.57 -6.86 5.59
N VAL B 204 16.48 -7.06 4.28
CA VAL B 204 17.62 -7.33 3.41
C VAL B 204 17.51 -6.35 2.24
N ASN B 205 18.51 -5.45 2.07
CA ASN B 205 18.65 -4.44 0.98
C ASN B 205 17.37 -3.60 0.78
N GLY B 206 16.85 -3.09 1.89
CA GLY B 206 15.67 -2.26 1.89
C GLY B 206 14.33 -2.97 1.84
N ASP B 207 14.30 -4.31 1.75
CA ASP B 207 12.99 -4.96 1.72
C ASP B 207 12.86 -6.17 2.69
N THR B 208 11.61 -6.58 2.98
CA THR B 208 11.30 -7.74 3.84
C THR B 208 11.54 -9.05 3.10
N ARG B 209 12.21 -9.98 3.81
CA ARG B 209 12.52 -11.36 3.34
C ARG B 209 12.18 -12.36 4.43
N VAL B 210 11.60 -13.51 4.05
CA VAL B 210 11.14 -14.53 5.02
C VAL B 210 12.18 -15.64 5.21
N GLY B 211 12.82 -15.69 6.36
CA GLY B 211 13.74 -16.77 6.67
C GLY B 211 13.06 -17.87 7.46
N LEU B 212 13.55 -19.10 7.29
CA LEU B 212 13.24 -20.24 8.14
C LEU B 212 14.44 -20.47 9.03
N PHE B 213 14.20 -20.54 10.35
CA PHE B 213 15.23 -20.72 11.38
C PHE B 213 14.82 -21.85 12.32
N ALA B 214 15.80 -22.63 12.80
CA ALA B 214 15.51 -23.70 13.74
C ALA B 214 15.11 -23.16 15.16
N VAL B 215 14.06 -23.75 15.75
CA VAL B 215 13.63 -23.42 17.11
C VAL B 215 14.23 -24.39 18.16
N CYS B 216 14.86 -25.46 17.70
CA CYS B 216 15.55 -26.45 18.53
C CYS B 216 16.70 -27.05 17.74
N ASP B 217 17.50 -27.92 18.37
CA ASP B 217 18.49 -28.73 17.68
C ASP B 217 17.74 -29.78 16.83
N ILE B 218 18.14 -29.94 15.56
CA ILE B 218 17.49 -30.86 14.63
C ILE B 218 18.50 -31.90 14.14
N PRO B 219 18.29 -33.20 14.50
CA PRO B 219 19.20 -34.25 14.00
C PRO B 219 19.03 -34.43 12.50
N ALA B 220 20.11 -34.70 11.74
CA ALA B 220 20.02 -34.98 10.28
C ALA B 220 18.93 -36.04 10.03
N GLY B 221 18.16 -35.87 8.95
CA GLY B 221 17.15 -36.85 8.55
C GLY B 221 15.79 -36.68 9.21
N THR B 222 15.65 -35.66 10.08
CA THR B 222 14.40 -35.27 10.71
C THR B 222 13.70 -34.27 9.78
N GLU B 223 12.41 -34.48 9.55
CA GLU B 223 11.60 -33.63 8.73
C GLU B 223 11.53 -32.19 9.33
N LEU B 224 11.79 -31.19 8.45
CA LEU B 224 11.85 -29.76 8.77
C LEU B 224 10.42 -29.29 8.60
N THR B 225 9.83 -28.72 9.66
CA THR B 225 8.41 -28.31 9.68
C THR B 225 8.36 -26.93 10.29
N PHE B 226 7.24 -26.20 10.04
CA PHE B 226 6.92 -24.93 10.73
C PHE B 226 5.43 -24.80 10.95
N ASN B 227 4.98 -23.89 11.84
CA ASN B 227 3.56 -23.64 12.13
C ASN B 227 2.90 -22.70 11.09
N TYR B 228 2.06 -23.26 10.18
CA TYR B 228 1.42 -22.49 9.11
C TYR B 228 0.34 -21.53 9.64
N ASN B 229 -0.14 -21.70 10.90
CA ASN B 229 -1.19 -20.80 11.42
C ASN B 229 -0.72 -19.40 11.41
N LEU B 230 0.55 -19.19 11.75
CA LEU B 230 1.12 -17.86 11.91
C LEU B 230 1.00 -16.92 10.65
N ASP B 231 1.17 -17.45 9.41
CA ASP B 231 1.36 -16.63 8.18
C ASP B 231 0.84 -17.21 6.89
N CYS B 232 0.39 -18.46 6.89
CA CYS B 232 -0.02 -19.13 5.64
C CYS B 232 -1.53 -19.03 5.40
N LEU B 233 -1.94 -19.04 4.13
CA LEU B 233 -3.34 -18.80 3.71
C LEU B 233 -3.89 -20.00 2.92
N GLY B 234 -5.22 -20.14 2.87
CA GLY B 234 -5.85 -21.14 2.02
C GLY B 234 -6.07 -22.49 2.70
N ASN B 235 -5.68 -22.63 4.00
CA ASN B 235 -5.60 -23.93 4.72
C ASN B 235 -6.65 -24.19 5.81
N GLU B 236 -7.67 -23.34 5.92
CA GLU B 236 -8.74 -23.36 6.95
C GLU B 236 -9.53 -24.65 6.98
N LYS B 237 -9.76 -25.27 5.82
CA LYS B 237 -10.46 -26.55 5.69
C LYS B 237 -9.51 -27.77 5.68
N THR B 238 -8.19 -27.53 5.73
CA THR B 238 -7.23 -28.63 5.57
C THR B 238 -7.00 -29.33 6.93
N VAL B 239 -7.31 -30.65 7.01
CA VAL B 239 -7.18 -31.44 8.24
C VAL B 239 -5.69 -31.68 8.50
N CYS B 240 -5.24 -31.47 9.75
CA CYS B 240 -3.84 -31.64 10.14
C CYS B 240 -3.50 -33.07 10.42
N ARG B 241 -2.37 -33.53 9.80
CA ARG B 241 -1.78 -34.86 10.00
C ARG B 241 -0.34 -34.78 10.51
N CYS B 242 -0.08 -33.79 11.40
CA CYS B 242 1.26 -33.61 11.88
C CYS B 242 1.69 -34.70 12.85
N GLY B 243 0.71 -35.38 13.46
CA GLY B 243 1.00 -36.45 14.40
C GLY B 243 1.41 -36.04 15.81
N ALA B 244 1.65 -34.74 16.08
CA ALA B 244 2.02 -34.23 17.44
C ALA B 244 0.92 -34.51 18.47
N SER B 245 1.28 -34.75 19.75
CA SER B 245 0.28 -34.90 20.80
C SER B 245 -0.58 -33.62 21.03
N ASN B 246 -0.07 -32.42 20.74
CA ASN B 246 -0.83 -31.18 20.91
C ASN B 246 -1.58 -30.79 19.62
N CYS B 247 -1.78 -31.70 18.66
CA CYS B 247 -2.42 -31.34 17.39
C CYS B 247 -3.85 -30.76 17.55
N SER B 248 -4.04 -29.51 17.13
CA SER B 248 -5.35 -28.85 17.12
C SER B 248 -6.31 -29.32 16.00
N GLY B 249 -5.77 -29.95 14.94
CA GLY B 249 -6.57 -30.61 13.91
C GLY B 249 -6.61 -29.94 12.54
N PHE B 250 -6.20 -28.67 12.43
CA PHE B 250 -6.16 -27.98 11.13
C PHE B 250 -4.88 -27.19 10.97
N LEU B 251 -4.61 -26.77 9.73
CA LEU B 251 -3.46 -26.00 9.28
C LEU B 251 -3.68 -24.50 9.34
N GLY B 252 -4.94 -24.09 9.35
CA GLY B 252 -5.29 -22.67 9.29
C GLY B 252 -6.56 -22.31 10.10
ZN ZN C . 1.43 5.25 -7.80
ZN ZN D . -27.80 27.75 -16.80
ZN ZN E . -27.95 28.78 -13.13
N SAM F . -2.51 10.71 3.84
CA SAM F . -2.79 12.14 4.14
C SAM F . -3.19 12.26 5.62
O SAM F . -3.45 13.39 6.08
OXT SAM F . -3.19 11.18 6.27
CB SAM F . -3.86 12.69 3.18
CG SAM F . -3.31 13.14 1.82
SD SAM F . -2.15 14.53 1.95
CE SAM F . -2.85 15.75 0.85
C5' SAM F . -0.73 13.97 0.99
C4' SAM F . 0.26 13.16 1.81
O4' SAM F . -0.26 11.84 2.03
C3' SAM F . 1.62 12.97 1.12
O3' SAM F . 2.51 14.02 1.44
C2' SAM F . 2.08 11.63 1.69
O2' SAM F . 2.60 11.83 3.00
C1' SAM F . 0.75 10.86 1.72
N9 SAM F . 0.37 10.18 0.46
C8 SAM F . -0.73 10.49 -0.32
N7 SAM F . -0.85 9.68 -1.35
C5 SAM F . 0.22 8.81 -1.26
C6 SAM F . 0.67 7.75 -2.06
N6 SAM F . 0.01 7.35 -3.14
N1 SAM F . 1.78 7.05 -1.70
C2 SAM F . 2.43 7.44 -0.57
N3 SAM F . 2.09 8.43 0.26
C4 SAM F . 0.98 9.10 -0.14
HN1 SAM F . -2.06 10.31 4.56
HN2 SAM F . -3.29 10.26 3.69
HA SAM F . -1.96 12.65 4.00
HB1 SAM F . -4.30 13.44 3.60
HB2 SAM F . -4.53 11.99 3.03
HG1 SAM F . -4.06 13.41 1.24
HG2 SAM F . -2.86 12.39 1.38
HE1 SAM F . -3.67 16.11 1.24
HE2 SAM F . -2.22 16.48 0.73
HE3 SAM F . -3.05 15.34 0.00
H5'1 SAM F . -1.05 13.43 0.25
H5'2 SAM F . -0.28 14.76 0.62
H4' SAM F . 0.39 13.61 2.68
H3' SAM F . 1.52 12.92 0.15
HO3' SAM F . 3.21 13.93 0.96
H2' SAM F . 2.74 11.20 1.10
HO2' SAM F . 2.71 11.06 3.38
H1' SAM F . 0.78 10.17 2.42
H8 SAM F . -1.32 11.17 -0.12
HN61 SAM F . -0.80 7.68 -3.30
HN62 SAM F . 0.49 7.07 -3.83
H2 SAM F . 3.20 6.95 -0.34
H31 SAM F . -1.98 10.65 3.10
ZN ZN G . -1.28 -30.81 13.84
ZN ZN H . 27.96 -6.62 12.75
ZN ZN I . 28.17 -7.54 9.15
N SAM J . 3.57 -31.70 1.28
CA SAM J . 3.62 -30.56 0.30
C SAM J . 3.82 -31.13 -1.12
O SAM J . 3.56 -32.34 -1.28
OXT SAM J . 4.24 -30.36 -2.00
CB SAM J . 4.67 -29.54 0.74
CG SAM J . 4.12 -28.55 1.80
SD SAM J . 2.95 -27.39 1.04
CE SAM J . 3.63 -25.79 1.49
C5' SAM J . 1.52 -27.49 2.13
C4' SAM J . 0.58 -28.59 1.73
O4' SAM J . 1.08 -29.85 2.19
C3' SAM J . -0.80 -28.42 2.38
O3' SAM J . -1.65 -27.68 1.52
C2' SAM J . -1.24 -29.87 2.63
O2' SAM J . -1.84 -30.44 1.48
C1' SAM J . 0.10 -30.55 2.94
N9 SAM J . 0.49 -30.53 4.34
C8 SAM J . 1.58 -29.88 4.90
N7 SAM J . 1.64 -30.06 6.20
C5 SAM J . 0.54 -30.85 6.51
C6 SAM J . 0.02 -31.36 7.72
N6 SAM J . 0.60 -31.19 8.90
N1 SAM J . -1.09 -32.13 7.70
C2 SAM J . -1.68 -32.34 6.49
N3 SAM J . -1.28 -31.88 5.31
C4 SAM J . -0.15 -31.16 5.37
HN1 SAM J . 2.82 -32.22 1.12
HN2 SAM J . 4.31 -32.21 1.20
HA SAM J . 2.75 -30.14 0.32
HB1 SAM J . 4.97 -29.04 -0.03
HB2 SAM J . 5.44 -30.01 1.14
HG1 SAM J . 4.87 -28.05 2.19
HG2 SAM J . 3.68 -29.04 2.50
HE1 SAM J . 4.29 -25.52 0.84
HE2 SAM J . 2.92 -25.12 1.51
HE3 SAM J . 4.03 -25.85 2.37
H5'1 SAM J . 1.84 -27.65 3.03
H5'2 SAM J . 1.06 -26.63 2.12
H4' SAM J . 0.48 -28.60 0.75
H3' SAM J . -0.72 -27.94 3.23
HO3' SAM J . -1.91 -26.91 1.94
H2' SAM J . -1.85 -29.93 3.39
HO2' SAM J . -2.54 -29.94 1.26
H1' SAM J . 0.08 -31.49 2.67
H8 SAM J . 2.20 -29.38 4.40
HN61 SAM J . 1.37 -30.77 8.95
HN62 SAM J . 0.10 -31.23 9.63
H2 SAM J . -2.47 -32.87 6.49
H31 SAM J . 3.53 -31.38 2.12
#